data_7JTG
#
_entry.id   7JTG
#
_cell.length_a   59.956
_cell.length_b   65.343
_cell.length_c   215.871
_cell.angle_alpha   90.000
_cell.angle_beta   90.000
_cell.angle_gamma   90.000
#
_symmetry.space_group_name_H-M   'P 21 21 21'
#
loop_
_entity.id
_entity.type
_entity.pdbx_description
1 polymer 'RM11-43 Fab heavy chain'
2 polymer 'RM11-43 Fab light chain'
3 polymer 'Envelope glycoprotein E2'
4 branched 2-acetamido-2-deoxy-beta-D-glucopyranose-(1-4)-2-acetamido-2-deoxy-beta-D-glucopyranose
5 non-polymer 2-acetamido-2-deoxy-beta-D-glucopyranose
6 water water
#
loop_
_entity_poly.entity_id
_entity_poly.type
_entity_poly.pdbx_seq_one_letter_code
_entity_poly.pdbx_strand_id
1 'polypeptide(L)'
;QVQLVQSGAEVKKPGASVKLSCKASGFTFRIYAISWVRQAPGQGLEWMGEIIPLGGITNYAQKFQGRVTITADTSTSTAY
MELSSLRSEDTAVYYCARGETKMITVLAGTTGGGLDSWGQGTLVTVSSASTKGPSVFPLAPSSKSTSGGTAALGCLVKDY
FPEPVTVSWNSGALTSGVHTFPAVLQSSGLYSLSSVVTVPSSSLGTQTYICNVNHKPSNTKVDKKVEPKSCGS
;
A
2 'polypeptide(L)'
;DIQMTQSPSSLSASVGDKVTITCHASQGISSWLAWYQQKPGKAPKPLIYAASSLQSGVPSRFSGGGSGADYTLTISSLQP
EDFATYYCQQYDDLPRTFGQGTKVEIKRTVAAPSVFIFPPSDEQLKSGTASVVCLLNNFYPREAKVQWKVDNALQSGNSQ
ESVTEQDSKDSTYSLSSTLTLSKADYEKHKVYACEVTHQGLSSPVTKSFNRGEC
;
B
3 'polypeptide(L)'
;QLINTNGSWHINRTALNCNDSLQTGFITSLFYAKNVDSSGCPERMAACGSSGCWHYAPRPCDVVSARTVCGPVYCFTPSP
VVVGTTDKLGIPTYNWGENETDVFMLESLRPPTGGWFGCTWMNSTGFTKTCGAPPGGPTDGGSGPWITPRCLVDYPYRLW
HYPCTVNFTLHKVRMFVGGIEHRFDAACN
;
E
#
# COMPACT_ATOMS: atom_id res chain seq x y z
N GLN A 1 20.88 -2.82 -2.15
CA GLN A 1 20.34 -3.12 -3.48
C GLN A 1 18.93 -3.68 -3.39
N VAL A 2 18.36 -4.03 -4.55
CA VAL A 2 16.93 -4.28 -4.71
C VAL A 2 16.15 -3.12 -4.12
N GLN A 3 15.91 -2.08 -4.93
CA GLN A 3 15.11 -0.96 -4.48
C GLN A 3 14.34 -0.39 -5.65
N LEU A 4 13.18 0.17 -5.35
CA LEU A 4 12.34 0.85 -6.32
C LEU A 4 12.28 2.32 -5.92
N VAL A 5 12.74 3.20 -6.80
CA VAL A 5 12.76 4.63 -6.53
C VAL A 5 11.69 5.29 -7.39
N GLN A 6 10.89 6.13 -6.74
CA GLN A 6 9.67 6.69 -7.28
C GLN A 6 9.77 8.21 -7.18
N SER A 7 9.34 8.93 -8.21
CA SER A 7 9.06 10.34 -8.00
C SER A 7 8.32 10.90 -9.20
N GLY A 8 7.76 12.08 -9.01
CA GLY A 8 6.84 12.66 -9.95
C GLY A 8 5.56 13.03 -9.23
N ALA A 9 5.71 13.53 -8.00
CA ALA A 9 4.56 14.04 -7.26
C ALA A 9 3.96 15.23 -8.00
N GLU A 10 2.68 15.14 -8.33
CA GLU A 10 2.10 16.09 -9.27
C GLU A 10 0.66 16.45 -8.88
N VAL A 11 0.30 17.71 -9.13
CA VAL A 11 -1.04 18.22 -8.94
C VAL A 11 -1.67 18.39 -10.32
N LYS A 12 -2.83 17.76 -10.53
CA LYS A 12 -3.49 17.76 -11.83
C LYS A 12 -4.94 18.20 -11.69
N LYS A 13 -5.54 18.55 -12.82
CA LYS A 13 -6.92 18.99 -12.89
C LYS A 13 -7.80 17.87 -13.43
N PRO A 14 -9.11 17.92 -13.17
CA PRO A 14 -9.99 16.85 -13.66
C PRO A 14 -10.01 16.79 -15.19
N GLY A 15 -9.87 15.58 -15.71
CA GLY A 15 -9.80 15.34 -17.14
C GLY A 15 -8.39 15.12 -17.65
N ALA A 16 -7.38 15.63 -16.95
CA ALA A 16 -6.00 15.47 -17.38
C ALA A 16 -5.53 14.03 -17.17
N SER A 17 -4.26 13.79 -17.47
CA SER A 17 -3.61 12.51 -17.24
C SER A 17 -2.29 12.74 -16.51
N VAL A 18 -1.83 11.70 -15.83
CA VAL A 18 -0.57 11.74 -15.09
C VAL A 18 0.22 10.48 -15.41
N LYS A 19 1.54 10.63 -15.51
CA LYS A 19 2.44 9.55 -15.85
C LYS A 19 3.46 9.40 -14.73
N LEU A 20 3.40 8.28 -14.02
CA LEU A 20 4.26 8.03 -12.88
C LEU A 20 5.33 7.02 -13.28
N SER A 21 6.55 7.23 -12.79
CA SER A 21 7.69 6.40 -13.16
C SER A 21 8.23 5.67 -11.94
N CYS A 22 8.90 4.54 -12.21
CA CYS A 22 9.41 3.68 -11.14
C CYS A 22 10.73 3.07 -11.63
N LYS A 23 11.85 3.60 -11.14
CA LYS A 23 13.15 3.09 -11.51
C LYS A 23 13.50 1.90 -10.62
N ALA A 24 13.64 0.74 -11.24
CA ALA A 24 14.03 -0.47 -10.55
C ALA A 24 15.54 -0.66 -10.64
N SER A 25 16.10 -1.34 -9.64
CA SER A 25 17.52 -1.64 -9.60
C SER A 25 17.77 -2.74 -8.58
N GLY A 26 18.83 -3.51 -8.81
CA GLY A 26 19.24 -4.54 -7.88
C GLY A 26 18.64 -5.91 -8.11
N PHE A 27 17.88 -6.10 -9.18
CA PHE A 27 17.30 -7.39 -9.52
C PHE A 27 17.10 -7.42 -11.02
N THR A 28 16.74 -8.59 -11.54
CA THR A 28 16.53 -8.74 -12.97
C THR A 28 15.14 -8.22 -13.32
N PHE A 29 15.11 -7.05 -13.96
CA PHE A 29 13.87 -6.32 -14.21
C PHE A 29 12.84 -7.14 -14.97
N ARG A 30 13.28 -7.91 -15.95
CA ARG A 30 12.36 -8.59 -16.87
C ARG A 30 11.44 -9.58 -16.15
N ILE A 31 11.89 -10.11 -15.01
CA ILE A 31 11.34 -11.35 -14.47
C ILE A 31 10.29 -11.06 -13.40
N TYR A 32 10.42 -9.94 -12.71
CA TYR A 32 9.50 -9.60 -11.63
C TYR A 32 8.36 -8.75 -12.15
N ALA A 33 7.21 -8.84 -11.48
CA ALA A 33 6.06 -8.04 -11.80
C ALA A 33 6.13 -6.72 -11.04
N ILE A 34 6.23 -5.61 -11.77
CA ILE A 34 6.20 -4.29 -11.16
C ILE A 34 4.74 -3.87 -11.04
N SER A 35 4.23 -3.83 -9.82
CA SER A 35 2.84 -3.52 -9.57
C SER A 35 2.68 -2.10 -9.02
N TRP A 36 1.47 -1.58 -9.16
CA TRP A 36 1.12 -0.24 -8.72
C TRP A 36 -0.05 -0.33 -7.75
N VAL A 37 0.10 0.28 -6.57
CA VAL A 37 -0.92 0.25 -5.54
C VAL A 37 -1.11 1.66 -5.03
N ARG A 38 -2.36 2.09 -4.94
CA ARG A 38 -2.67 3.44 -4.50
C ARG A 38 -3.44 3.40 -3.18
N GLN A 39 -3.30 4.49 -2.42
CA GLN A 39 -3.92 4.64 -1.11
C GLN A 39 -4.52 6.04 -1.05
N ALA A 40 -5.84 6.13 -1.17
CA ALA A 40 -6.51 7.40 -0.99
C ALA A 40 -6.37 7.84 0.48
N PRO A 41 -6.40 9.15 0.74
CA PRO A 41 -6.14 9.64 2.11
C PRO A 41 -7.07 9.01 3.13
N GLY A 42 -6.46 8.41 4.16
CA GLY A 42 -7.21 7.77 5.23
C GLY A 42 -7.88 6.47 4.85
N GLN A 43 -7.55 5.90 3.69
CA GLN A 43 -8.20 4.70 3.19
C GLN A 43 -7.19 3.56 3.13
N GLY A 44 -7.65 2.41 2.63
CA GLY A 44 -6.83 1.23 2.53
C GLY A 44 -6.02 1.20 1.24
N LEU A 45 -5.32 0.09 1.04
CA LEU A 45 -4.53 -0.11 -0.16
C LEU A 45 -5.42 -0.64 -1.28
N GLU A 46 -5.17 -0.18 -2.50
CA GLU A 46 -5.92 -0.59 -3.67
C GLU A 46 -4.95 -0.98 -4.77
N TRP A 47 -5.03 -2.24 -5.21
CA TRP A 47 -4.20 -2.72 -6.30
C TRP A 47 -4.78 -2.24 -7.63
N MET A 48 -3.93 -1.64 -8.46
CA MET A 48 -4.36 -1.10 -9.75
C MET A 48 -3.99 -1.99 -10.93
N GLY A 49 -2.73 -2.42 -10.99
CA GLY A 49 -2.29 -3.24 -12.10
C GLY A 49 -0.83 -3.60 -11.94
N GLU A 50 -0.38 -4.50 -12.82
CA GLU A 50 0.98 -5.01 -12.78
C GLU A 50 1.49 -5.17 -14.21
N ILE A 51 2.79 -4.98 -14.39
CA ILE A 51 3.45 -5.31 -15.65
C ILE A 51 4.64 -6.21 -15.38
N ILE A 52 4.80 -7.21 -16.23
CA ILE A 52 5.96 -8.09 -16.27
C ILE A 52 6.75 -7.72 -17.53
N PRO A 53 7.91 -7.08 -17.39
CA PRO A 53 8.54 -6.44 -18.55
C PRO A 53 8.94 -7.37 -19.68
N LEU A 54 9.21 -8.65 -19.41
CA LEU A 54 9.73 -9.51 -20.47
C LEU A 54 8.72 -9.64 -21.61
N GLY A 55 7.59 -10.28 -21.34
CA GLY A 55 6.56 -10.46 -22.35
C GLY A 55 5.68 -9.24 -22.51
N GLY A 56 5.97 -8.18 -21.78
CA GLY A 56 5.04 -7.06 -21.71
C GLY A 56 3.71 -7.49 -21.14
N ILE A 57 3.74 -8.35 -20.13
CA ILE A 57 2.53 -8.95 -19.57
C ILE A 57 1.88 -7.95 -18.64
N THR A 58 0.77 -7.36 -19.07
CA THR A 58 0.04 -6.40 -18.27
C THR A 58 -1.27 -6.99 -17.78
N ASN A 59 -1.66 -6.64 -16.56
CA ASN A 59 -2.98 -6.95 -16.06
C ASN A 59 -3.42 -5.85 -15.11
N TYR A 60 -4.67 -5.41 -15.26
CA TYR A 60 -5.20 -4.28 -14.53
C TYR A 60 -6.46 -4.70 -13.77
N ALA A 61 -6.70 -4.05 -12.64
CA ALA A 61 -8.02 -4.15 -12.00
C ALA A 61 -9.08 -3.58 -12.95
N GLN A 62 -10.23 -4.24 -13.00
CA GLN A 62 -11.22 -3.92 -14.03
C GLN A 62 -11.70 -2.47 -13.94
N LYS A 63 -11.71 -1.88 -12.74
CA LYS A 63 -12.15 -0.50 -12.60
C LYS A 63 -11.27 0.48 -13.36
N PHE A 64 -10.01 0.12 -13.60
CA PHE A 64 -9.04 1.00 -14.24
C PHE A 64 -8.74 0.58 -15.67
N GLN A 65 -9.44 -0.42 -16.19
CA GLN A 65 -9.11 -0.96 -17.51
C GLN A 65 -9.35 0.03 -18.64
N GLY A 66 -10.24 1.01 -18.44
CA GLY A 66 -10.39 2.07 -19.42
C GLY A 66 -9.80 3.40 -18.95
N ARG A 67 -8.72 3.41 -18.13
CA ARG A 67 -8.10 4.68 -17.83
C ARG A 67 -6.60 4.55 -17.62
N VAL A 68 -6.13 3.37 -17.21
CA VAL A 68 -4.72 3.21 -16.84
C VAL A 68 -3.97 2.43 -17.93
N THR A 69 -2.73 2.85 -18.19
CA THR A 69 -1.82 2.07 -19.02
C THR A 69 -0.48 1.97 -18.29
N ILE A 70 0.05 0.76 -18.19
CA ILE A 70 1.33 0.50 -17.53
C ILE A 70 2.31 0.00 -18.59
N THR A 71 3.53 0.54 -18.57
CA THR A 71 4.53 0.26 -19.60
C THR A 71 5.86 -0.09 -18.95
N ALA A 72 6.72 -0.78 -19.71
CA ALA A 72 7.92 -1.39 -19.17
C ALA A 72 9.19 -0.60 -19.44
N ASP A 73 9.61 -0.53 -20.70
CA ASP A 73 10.92 0.02 -21.09
C ASP A 73 12.05 -0.70 -20.35
N THR A 74 12.28 -1.93 -20.80
CA THR A 74 13.31 -2.81 -20.22
C THR A 74 14.72 -2.27 -20.39
N SER A 75 14.92 -1.27 -21.26
CA SER A 75 16.24 -0.67 -21.42
C SER A 75 16.72 -0.03 -20.12
N THR A 76 15.95 0.92 -19.60
CA THR A 76 16.30 1.63 -18.38
C THR A 76 15.69 1.00 -17.13
N SER A 77 14.99 -0.11 -17.26
CA SER A 77 14.34 -0.78 -16.13
C SER A 77 13.46 0.20 -15.34
N THR A 78 12.56 0.87 -16.06
CA THR A 78 11.69 1.88 -15.47
C THR A 78 10.24 1.60 -15.82
N ALA A 79 9.47 1.11 -14.86
CA ALA A 79 8.04 0.91 -15.08
C ALA A 79 7.30 2.24 -14.97
N TYR A 80 6.33 2.44 -15.85
CA TYR A 80 5.52 3.66 -15.88
C TYR A 80 4.05 3.32 -15.66
N MET A 81 3.31 4.28 -15.12
CA MET A 81 1.88 4.13 -14.86
C MET A 81 1.19 5.40 -15.33
N GLU A 82 0.38 5.30 -16.38
CA GLU A 82 -0.34 6.44 -16.91
C GLU A 82 -1.82 6.28 -16.65
N LEU A 83 -2.38 7.20 -15.87
CA LEU A 83 -3.80 7.22 -15.53
C LEU A 83 -4.41 8.48 -16.14
N SER A 84 -5.48 8.32 -16.92
CA SER A 84 -6.09 9.45 -17.60
C SER A 84 -7.54 9.62 -17.18
N SER A 85 -8.16 10.67 -17.72
CA SER A 85 -9.48 11.13 -17.27
C SER A 85 -9.52 11.24 -15.76
N LEU A 86 -8.55 11.95 -15.21
CA LEU A 86 -8.36 12.00 -13.76
C LEU A 86 -9.60 12.56 -13.08
N ARG A 87 -9.93 11.96 -11.94
CA ARG A 87 -11.08 12.32 -11.13
C ARG A 87 -10.58 12.78 -9.78
N SER A 88 -11.43 13.50 -9.04
CA SER A 88 -11.08 13.84 -7.67
C SER A 88 -10.84 12.59 -6.84
N GLU A 89 -11.60 11.51 -7.12
CA GLU A 89 -11.38 10.24 -6.43
C GLU A 89 -9.99 9.67 -6.66
N ASP A 90 -9.26 10.15 -7.67
CA ASP A 90 -7.92 9.66 -7.91
C ASP A 90 -6.86 10.36 -7.07
N THR A 91 -7.26 11.27 -6.18
CA THR A 91 -6.32 11.83 -5.23
C THR A 91 -5.84 10.73 -4.29
N ALA A 92 -4.55 10.43 -4.32
CA ALA A 92 -4.03 9.29 -3.59
C ALA A 92 -2.51 9.34 -3.55
N VAL A 93 -1.95 8.50 -2.70
CA VAL A 93 -0.51 8.19 -2.72
C VAL A 93 -0.35 6.95 -3.58
N TYR A 94 0.41 7.06 -4.66
CA TYR A 94 0.62 5.95 -5.57
C TYR A 94 1.94 5.28 -5.27
N TYR A 95 1.91 3.99 -5.01
CA TYR A 95 3.08 3.21 -4.64
C TYR A 95 3.53 2.33 -5.80
N CYS A 96 4.83 2.17 -5.95
CA CYS A 96 5.40 1.18 -6.83
C CYS A 96 5.90 0.01 -5.99
N ALA A 97 5.59 -1.22 -6.43
CA ALA A 97 5.95 -2.39 -5.65
C ALA A 97 6.34 -3.53 -6.59
N ARG A 98 7.34 -4.32 -6.16
CA ARG A 98 7.82 -5.47 -6.90
C ARG A 98 7.10 -6.72 -6.43
N GLY A 99 6.47 -7.42 -7.36
CA GLY A 99 5.74 -8.65 -7.05
C GLY A 99 6.37 -9.85 -7.72
N GLU A 100 6.35 -10.99 -7.02
CA GLU A 100 6.93 -12.20 -7.57
C GLU A 100 5.99 -12.83 -8.61
N THR A 101 6.57 -13.61 -9.50
CA THR A 101 5.86 -14.27 -10.58
C THR A 101 6.03 -15.79 -10.44
N LYS A 102 5.33 -16.54 -11.31
CA LYS A 102 5.37 -17.99 -11.23
C LYS A 102 6.78 -18.52 -11.48
N MET A 103 7.60 -17.78 -12.22
CA MET A 103 8.99 -18.18 -12.45
C MET A 103 9.83 -18.08 -11.19
N ILE A 104 9.37 -17.38 -10.16
CA ILE A 104 10.10 -17.26 -8.91
C ILE A 104 9.56 -18.19 -7.84
N THR A 105 8.24 -18.35 -7.78
CA THR A 105 7.67 -19.37 -6.90
C THR A 105 8.22 -20.75 -7.24
N VAL A 106 8.55 -20.97 -8.50
CA VAL A 106 9.21 -22.19 -8.96
C VAL A 106 10.64 -21.83 -9.33
N LEU A 107 11.52 -22.84 -9.26
CA LEU A 107 12.91 -22.76 -9.75
C LEU A 107 13.61 -21.46 -9.35
N ALA A 108 13.42 -21.03 -8.10
CA ALA A 108 14.20 -19.92 -7.59
C ALA A 108 14.83 -20.28 -6.25
N GLY A 109 14.02 -20.70 -5.30
CA GLY A 109 14.52 -21.13 -3.99
C GLY A 109 15.18 -20.04 -3.19
N THR A 110 14.85 -18.78 -3.44
CA THR A 110 15.49 -17.66 -2.77
C THR A 110 14.51 -16.87 -1.90
N THR A 111 13.46 -17.53 -1.41
CA THR A 111 12.51 -16.95 -0.47
C THR A 111 11.87 -15.67 -1.01
N GLY A 112 11.24 -14.91 -0.13
CA GLY A 112 10.68 -13.61 -0.46
C GLY A 112 9.59 -13.60 -1.50
N GLY A 113 8.33 -13.69 -1.07
CA GLY A 113 7.20 -13.64 -1.95
C GLY A 113 6.34 -12.40 -1.75
N GLY A 114 5.20 -12.39 -2.44
CA GLY A 114 4.30 -11.25 -2.37
C GLY A 114 4.87 -10.03 -3.05
N LEU A 115 4.54 -8.86 -2.51
CA LEU A 115 5.15 -7.59 -2.90
C LEU A 115 6.21 -7.29 -1.86
N ASP A 116 7.46 -7.69 -2.15
CA ASP A 116 8.53 -7.69 -1.16
C ASP A 116 9.40 -6.44 -1.19
N SER A 117 9.11 -5.50 -2.10
CA SER A 117 9.85 -4.24 -2.14
C SER A 117 8.91 -3.16 -2.64
N TRP A 118 8.96 -2.00 -1.99
CA TRP A 118 8.03 -0.92 -2.28
C TRP A 118 8.80 0.37 -2.55
N GLY A 119 8.24 1.18 -3.45
CA GLY A 119 8.73 2.52 -3.63
C GLY A 119 8.28 3.43 -2.51
N GLN A 120 8.86 4.63 -2.49
CA GLN A 120 8.47 5.60 -1.46
C GLN A 120 7.01 5.99 -1.59
N GLY A 121 6.52 6.11 -2.83
CA GLY A 121 5.21 6.66 -3.10
C GLY A 121 5.35 8.11 -3.55
N THR A 122 4.51 8.50 -4.50
CA THR A 122 4.36 9.90 -4.89
C THR A 122 2.91 10.30 -4.70
N LEU A 123 2.70 11.50 -4.19
CA LEU A 123 1.36 11.98 -3.92
C LEU A 123 0.81 12.71 -5.14
N VAL A 124 -0.41 12.35 -5.53
CA VAL A 124 -1.09 12.95 -6.68
C VAL A 124 -2.42 13.51 -6.19
N THR A 125 -2.57 14.83 -6.29
CA THR A 125 -3.81 15.52 -5.96
C THR A 125 -4.54 15.85 -7.26
N VAL A 126 -5.81 15.48 -7.34
CA VAL A 126 -6.67 15.86 -8.46
C VAL A 126 -7.75 16.78 -7.93
N SER A 127 -7.79 18.00 -8.46
CA SER A 127 -8.76 18.98 -8.01
C SER A 127 -8.91 20.04 -9.09
N SER A 128 -10.07 20.70 -9.09
CA SER A 128 -10.32 21.82 -9.98
C SER A 128 -9.85 23.15 -9.39
N ALA A 129 -9.27 23.13 -8.20
CA ALA A 129 -8.88 24.35 -7.51
C ALA A 129 -7.52 24.86 -8.01
N SER A 130 -7.27 26.14 -7.73
CA SER A 130 -6.06 26.82 -8.16
C SER A 130 -5.15 27.10 -6.96
N THR A 131 -3.85 27.10 -7.22
CA THR A 131 -2.85 27.34 -6.18
C THR A 131 -3.14 28.64 -5.44
N LYS A 132 -3.09 28.59 -4.12
CA LYS A 132 -3.37 29.76 -3.30
C LYS A 132 -2.65 29.62 -1.97
N GLY A 133 -2.07 30.72 -1.50
CA GLY A 133 -1.43 30.76 -0.21
C GLY A 133 -2.46 30.92 0.89
N PRO A 134 -2.09 30.54 2.12
CA PRO A 134 -3.05 30.51 3.21
C PRO A 134 -3.12 31.80 4.02
N SER A 135 -4.33 32.08 4.51
CA SER A 135 -4.54 33.14 5.50
C SER A 135 -4.33 32.57 6.89
N VAL A 136 -3.48 33.21 7.67
CA VAL A 136 -3.12 32.76 9.01
C VAL A 136 -3.81 33.67 10.02
N PHE A 137 -4.76 33.12 10.76
CA PHE A 137 -5.42 33.89 11.80
C PHE A 137 -5.04 33.35 13.17
N PRO A 138 -5.03 34.21 14.19
CA PRO A 138 -4.59 33.77 15.52
C PRO A 138 -5.70 33.13 16.34
N LEU A 139 -5.28 32.19 17.18
CA LEU A 139 -6.15 31.57 18.18
C LEU A 139 -5.64 32.09 19.52
N ALA A 140 -6.11 33.28 19.90
CA ALA A 140 -5.55 34.00 21.02
C ALA A 140 -5.94 33.33 22.34
N PRO A 141 -5.01 33.20 23.28
CA PRO A 141 -5.34 32.57 24.56
C PRO A 141 -6.38 33.39 25.31
N SER A 142 -6.99 32.75 26.30
CA SER A 142 -8.16 33.34 26.96
C SER A 142 -7.78 33.99 28.29
N SER A 143 -8.69 34.82 28.78
CA SER A 143 -8.57 35.54 30.04
C SER A 143 -8.07 34.69 31.20
N GLY A 149 -3.08 25.95 36.40
CA GLY A 149 -2.75 27.23 35.80
C GLY A 149 -1.98 27.11 34.49
N THR A 150 -2.68 26.74 33.42
CA THR A 150 -2.05 26.57 32.12
C THR A 150 -3.02 26.99 31.02
N ALA A 151 -2.46 27.47 29.91
CA ALA A 151 -3.22 28.11 28.84
C ALA A 151 -2.83 27.51 27.49
N ALA A 152 -3.63 27.83 26.47
CA ALA A 152 -3.44 27.29 25.13
C ALA A 152 -3.63 28.39 24.09
N LEU A 153 -2.84 28.32 23.01
CA LEU A 153 -2.92 29.28 21.93
C LEU A 153 -2.52 28.59 20.63
N GLY A 154 -2.78 29.25 19.52
CA GLY A 154 -2.45 28.63 18.26
C GLY A 154 -2.64 29.55 17.06
N CYS A 155 -2.58 28.94 15.88
CA CYS A 155 -2.75 29.64 14.61
C CYS A 155 -3.71 28.84 13.73
N LEU A 156 -4.63 29.56 13.10
CA LEU A 156 -5.56 29.00 12.14
C LEU A 156 -5.03 29.29 10.74
N VAL A 157 -4.54 28.27 10.05
CA VAL A 157 -3.97 28.41 8.72
C VAL A 157 -5.04 27.94 7.74
N LYS A 158 -5.80 28.90 7.22
CA LYS A 158 -7.03 28.62 6.51
C LYS A 158 -6.89 28.93 5.02
N ASP A 159 -7.60 28.15 4.20
CA ASP A 159 -7.81 28.44 2.78
C ASP A 159 -6.52 28.42 1.97
N TYR A 160 -5.93 27.24 1.76
CA TYR A 160 -4.77 27.12 0.91
C TYR A 160 -4.92 25.91 -0.01
N PHE A 161 -4.13 25.91 -1.08
CA PHE A 161 -4.11 24.80 -2.02
C PHE A 161 -2.82 24.85 -2.83
N PRO A 162 -2.15 23.71 -3.04
CA PRO A 162 -2.54 22.43 -2.47
C PRO A 162 -1.78 22.09 -1.20
N GLU A 163 -1.92 20.85 -0.73
CA GLU A 163 -1.08 20.37 0.34
C GLU A 163 0.37 20.38 -0.12
N PRO A 164 1.34 20.49 0.82
CA PRO A 164 1.15 20.66 2.26
C PRO A 164 1.49 22.05 2.74
N VAL A 165 1.50 22.20 4.07
CA VAL A 165 1.82 23.45 4.73
C VAL A 165 2.68 23.10 5.94
N THR A 166 3.79 23.82 6.12
CA THR A 166 4.63 23.60 7.29
C THR A 166 4.32 24.67 8.33
N VAL A 167 4.21 24.24 9.58
CA VAL A 167 3.98 25.13 10.71
C VAL A 167 5.04 24.82 11.76
N SER A 168 5.55 25.87 12.40
CA SER A 168 6.51 25.73 13.48
C SER A 168 6.35 26.90 14.42
N TRP A 169 6.87 26.77 15.63
CA TRP A 169 6.68 27.75 16.67
C TRP A 169 8.03 28.27 17.16
N ASN A 170 8.19 29.60 17.15
CA ASN A 170 9.44 30.26 17.51
C ASN A 170 10.59 29.76 16.65
N SER A 171 10.31 29.57 15.36
CA SER A 171 11.30 29.14 14.36
C SER A 171 11.94 27.81 14.76
N GLY A 172 11.16 26.96 15.42
CA GLY A 172 11.59 25.64 15.81
C GLY A 172 12.00 25.51 17.26
N ALA A 173 12.09 26.63 18.00
CA ALA A 173 12.52 26.56 19.39
C ALA A 173 11.46 25.95 20.28
N LEU A 174 10.19 26.08 19.92
CA LEU A 174 9.07 25.55 20.70
C LEU A 174 8.59 24.27 20.03
N THR A 175 8.79 23.13 20.71
CA THR A 175 8.36 21.83 20.20
C THR A 175 7.58 20.99 21.19
N SER A 176 7.71 21.24 22.49
CA SER A 176 7.05 20.44 23.51
C SER A 176 5.63 20.93 23.72
N GLY A 177 4.67 20.01 23.65
CA GLY A 177 3.27 20.37 23.82
C GLY A 177 2.61 20.96 22.59
N VAL A 178 3.21 20.80 21.42
CA VAL A 178 2.67 21.32 20.16
C VAL A 178 1.89 20.21 19.48
N HIS A 179 0.73 20.56 18.94
CA HIS A 179 -0.06 19.67 18.10
C HIS A 179 -0.44 20.43 16.85
N THR A 180 0.03 19.95 15.69
CA THR A 180 -0.42 20.47 14.40
C THR A 180 -1.35 19.43 13.79
N PHE A 181 -2.61 19.81 13.63
CA PHE A 181 -3.61 18.85 13.24
C PHE A 181 -3.54 18.56 11.75
N PRO A 182 -4.07 17.41 11.32
CA PRO A 182 -4.19 17.16 9.88
C PRO A 182 -5.07 18.21 9.21
N ALA A 183 -4.72 18.53 7.97
CA ALA A 183 -5.52 19.46 7.19
C ALA A 183 -6.84 18.83 6.80
N VAL A 184 -7.86 19.66 6.68
CA VAL A 184 -9.19 19.23 6.25
C VAL A 184 -9.51 19.94 4.95
N LEU A 185 -10.12 19.21 4.01
CA LEU A 185 -10.49 19.76 2.72
C LEU A 185 -11.90 20.35 2.84
N GLN A 186 -11.99 21.67 2.82
CA GLN A 186 -13.27 22.33 2.90
C GLN A 186 -14.06 22.16 1.60
N SER A 187 -15.36 22.44 1.65
CA SER A 187 -16.20 22.29 0.48
C SER A 187 -15.84 23.28 -0.63
N SER A 188 -15.12 24.34 -0.29
CA SER A 188 -14.64 25.32 -1.26
C SER A 188 -13.58 24.74 -2.18
N GLY A 189 -13.01 23.58 -1.85
CA GLY A 189 -11.86 23.06 -2.54
C GLY A 189 -10.54 23.42 -1.90
N LEU A 190 -10.54 24.32 -0.92
CA LEU A 190 -9.32 24.73 -0.25
C LEU A 190 -9.16 24.00 1.08
N TYR A 191 -7.91 23.80 1.47
CA TYR A 191 -7.60 23.16 2.74
C TYR A 191 -7.51 24.19 3.86
N SER A 192 -7.72 23.72 5.08
CA SER A 192 -7.52 24.54 6.27
C SER A 192 -6.93 23.67 7.36
N LEU A 193 -6.16 24.30 8.23
CA LEU A 193 -5.36 23.60 9.23
C LEU A 193 -5.24 24.50 10.45
N SER A 194 -5.08 23.88 11.62
CA SER A 194 -4.82 24.63 12.84
C SER A 194 -3.71 23.93 13.61
N SER A 195 -2.82 24.74 14.17
CA SER A 195 -1.71 24.29 15.01
C SER A 195 -1.85 24.96 16.37
N VAL A 196 -1.70 24.19 17.44
CA VAL A 196 -1.86 24.72 18.79
C VAL A 196 -0.67 24.27 19.65
N VAL A 197 -0.54 24.93 20.80
CA VAL A 197 0.50 24.63 21.77
C VAL A 197 -0.03 25.11 23.11
N THR A 198 0.35 24.41 24.17
CA THR A 198 -0.06 24.78 25.52
C THR A 198 1.13 25.34 26.30
N VAL A 199 0.85 26.36 27.09
CA VAL A 199 1.88 27.18 27.74
C VAL A 199 1.50 27.41 29.15
N PRO A 200 2.45 27.69 30.05
CA PRO A 200 2.10 28.17 31.38
C PRO A 200 1.48 29.56 31.28
N SER A 201 0.28 29.71 31.87
CA SER A 201 -0.35 31.02 31.91
C SER A 201 0.47 32.02 32.70
N SER A 202 1.35 31.52 33.59
CA SER A 202 2.39 32.36 34.19
C SER A 202 3.08 33.22 33.13
N SER A 203 3.77 32.58 32.19
CA SER A 203 4.52 33.30 31.16
C SER A 203 3.69 33.42 29.88
N LEU A 204 2.65 34.24 29.98
CA LEU A 204 1.76 34.53 28.87
C LEU A 204 2.04 35.86 28.21
N GLY A 205 2.22 36.92 29.02
CA GLY A 205 2.66 38.21 28.54
C GLY A 205 4.16 38.39 28.46
N THR A 206 4.95 37.58 29.15
CA THR A 206 6.39 37.73 29.11
C THR A 206 6.98 37.07 27.86
N GLN A 207 6.62 35.81 27.61
CA GLN A 207 7.11 35.12 26.42
C GLN A 207 6.26 35.47 25.21
N THR A 208 6.92 35.50 24.04
CA THR A 208 6.26 35.81 22.78
C THR A 208 6.20 34.55 21.92
N TYR A 209 5.04 34.31 21.30
CA TYR A 209 4.78 33.09 20.55
C TYR A 209 4.41 33.44 19.12
N ILE A 210 5.16 32.91 18.16
CA ILE A 210 4.95 33.17 16.75
C ILE A 210 4.86 31.83 16.02
N CYS A 211 3.84 31.66 15.21
CA CYS A 211 3.73 30.49 14.35
C CYS A 211 4.33 30.81 12.98
N ASN A 212 5.10 29.87 12.45
CA ASN A 212 5.83 30.05 11.20
C ASN A 212 5.20 29.14 10.14
N VAL A 213 4.34 29.72 9.30
CA VAL A 213 3.59 28.98 8.31
C VAL A 213 4.26 29.14 6.95
N ASN A 214 4.53 28.00 6.31
CA ASN A 214 5.32 27.94 5.08
C ASN A 214 4.55 27.10 4.07
N HIS A 215 4.06 27.74 3.01
CA HIS A 215 3.33 27.09 1.92
C HIS A 215 4.10 27.37 0.65
N LYS A 216 5.05 26.51 0.33
CA LYS A 216 5.93 26.77 -0.79
C LYS A 216 5.34 26.41 -2.16
N PRO A 217 4.28 25.55 -2.26
CA PRO A 217 3.55 25.48 -3.53
C PRO A 217 3.18 26.84 -4.11
N SER A 218 3.05 27.83 -3.23
CA SER A 218 2.71 29.19 -3.61
C SER A 218 3.81 30.19 -3.26
N ASN A 219 4.98 29.71 -2.84
CA ASN A 219 6.10 30.56 -2.40
C ASN A 219 5.63 31.60 -1.38
N THR A 220 5.03 31.09 -0.32
CA THR A 220 4.45 31.91 0.73
C THR A 220 5.02 31.47 2.07
N LYS A 221 5.53 32.41 2.85
CA LYS A 221 5.89 32.16 4.24
C LYS A 221 5.32 33.28 5.10
N VAL A 222 4.52 32.89 6.09
CA VAL A 222 3.80 33.81 6.97
C VAL A 222 4.14 33.47 8.41
N ASP A 223 4.57 34.47 9.17
CA ASP A 223 4.80 34.33 10.60
C ASP A 223 3.96 35.38 11.32
N LYS A 224 3.11 34.94 12.23
CA LYS A 224 2.20 35.84 12.95
C LYS A 224 2.27 35.57 14.44
N LYS A 225 2.42 36.64 15.22
CA LYS A 225 2.51 36.53 16.67
C LYS A 225 1.12 36.41 17.28
N VAL A 226 1.00 35.53 18.28
CA VAL A 226 -0.27 35.22 18.93
C VAL A 226 -0.22 35.82 20.33
N GLU A 227 -1.07 36.79 20.61
CA GLU A 227 -1.07 37.43 21.91
C GLU A 227 -2.52 37.63 22.40
N PRO A 228 -2.72 37.76 23.70
CA PRO A 228 -4.08 37.80 24.24
C PRO A 228 -4.85 39.05 23.83
N LYS A 229 -6.17 38.95 23.97
CA LYS A 229 -7.13 40.01 23.67
C LYS A 229 -7.20 40.32 22.18
N ASP B 1 -14.33 -10.95 -8.00
CA ASP B 1 -13.02 -10.91 -7.36
C ASP B 1 -13.02 -11.66 -6.04
N ILE B 2 -11.93 -11.56 -5.31
CA ILE B 2 -11.77 -12.16 -4.00
C ILE B 2 -11.78 -11.05 -2.96
N GLN B 3 -12.75 -11.08 -2.06
CA GLN B 3 -12.88 -10.08 -1.00
C GLN B 3 -12.09 -10.55 0.23
N MET B 4 -11.31 -9.64 0.80
CA MET B 4 -10.50 -9.91 1.97
C MET B 4 -11.00 -9.04 3.11
N THR B 5 -11.46 -9.67 4.19
CA THR B 5 -11.94 -8.95 5.36
C THR B 5 -11.08 -9.33 6.57
N GLN B 6 -10.66 -8.33 7.32
CA GLN B 6 -9.85 -8.52 8.51
C GLN B 6 -10.72 -8.37 9.75
N SER B 7 -10.21 -8.90 10.87
CA SER B 7 -10.94 -8.88 12.10
C SER B 7 -9.92 -8.96 13.22
N PRO B 8 -9.94 -8.04 14.19
CA PRO B 8 -10.86 -6.89 14.27
C PRO B 8 -10.34 -5.77 13.38
N SER B 9 -11.15 -4.72 13.17
CA SER B 9 -10.68 -3.59 12.38
C SER B 9 -9.95 -2.55 13.22
N SER B 10 -10.15 -2.55 14.54
CA SER B 10 -9.36 -1.74 15.45
C SER B 10 -9.07 -2.55 16.70
N LEU B 11 -7.89 -2.35 17.26
CA LEU B 11 -7.48 -3.08 18.46
C LEU B 11 -6.55 -2.22 19.29
N SER B 12 -6.81 -2.18 20.59
CA SER B 12 -6.07 -1.35 21.54
C SER B 12 -5.34 -2.26 22.51
N ALA B 13 -4.01 -2.21 22.49
CA ALA B 13 -3.18 -3.09 23.30
C ALA B 13 -2.00 -2.29 23.85
N SER B 14 -1.33 -2.88 24.84
CA SER B 14 -0.15 -2.28 25.46
C SER B 14 1.09 -3.12 25.11
N VAL B 15 2.24 -2.66 25.59
CA VAL B 15 3.50 -3.29 25.21
C VAL B 15 3.67 -4.60 25.96
N GLY B 16 3.98 -5.67 25.23
CA GLY B 16 4.17 -6.98 25.81
C GLY B 16 3.00 -7.94 25.66
N ASP B 17 1.88 -7.50 25.08
CA ASP B 17 0.73 -8.36 24.89
C ASP B 17 0.86 -9.17 23.60
N LYS B 18 0.15 -10.30 23.57
CA LYS B 18 0.07 -11.13 22.37
C LYS B 18 -1.14 -10.71 21.55
N VAL B 19 -0.94 -10.54 20.25
CA VAL B 19 -1.96 -10.05 19.32
C VAL B 19 -2.15 -11.08 18.23
N THR B 20 -3.41 -11.30 17.83
CA THR B 20 -3.72 -12.12 16.66
C THR B 20 -4.73 -11.37 15.79
N ILE B 21 -4.37 -11.11 14.54
CA ILE B 21 -5.26 -10.51 13.55
C ILE B 21 -5.74 -11.61 12.61
N THR B 22 -7.04 -11.60 12.30
CA THR B 22 -7.65 -12.58 11.42
C THR B 22 -7.86 -11.96 10.05
N CYS B 23 -7.62 -12.75 8.99
CA CYS B 23 -7.86 -12.33 7.62
C CYS B 23 -8.69 -13.39 6.92
N HIS B 24 -9.87 -13.00 6.43
CA HIS B 24 -10.79 -13.92 5.79
C HIS B 24 -10.94 -13.60 4.31
N ALA B 25 -10.99 -14.65 3.49
CA ALA B 25 -11.09 -14.55 2.04
C ALA B 25 -12.36 -15.21 1.55
N SER B 26 -13.01 -14.59 0.55
CA SER B 26 -14.27 -15.09 0.03
C SER B 26 -14.13 -16.39 -0.76
N GLN B 27 -12.90 -16.81 -1.04
CA GLN B 27 -12.62 -18.13 -1.58
C GLN B 27 -11.34 -18.65 -0.93
N GLY B 28 -11.05 -19.93 -1.14
CA GLY B 28 -9.77 -20.45 -0.72
C GLY B 28 -8.65 -19.91 -1.60
N ILE B 29 -7.57 -19.49 -0.96
CA ILE B 29 -6.47 -18.86 -1.68
C ILE B 29 -5.17 -19.67 -1.59
N SER B 30 -5.27 -20.93 -1.16
CA SER B 30 -4.15 -21.88 -1.20
C SER B 30 -2.92 -21.32 -0.49
N SER B 31 -3.15 -20.66 0.64
CA SER B 31 -2.10 -20.08 1.49
C SER B 31 -1.22 -19.07 0.76
N TRP B 32 -1.66 -18.57 -0.40
CA TRP B 32 -0.97 -17.47 -1.06
C TRP B 32 -1.45 -16.17 -0.44
N LEU B 33 -0.96 -15.89 0.76
CA LEU B 33 -1.41 -14.75 1.54
C LEU B 33 -0.22 -14.01 2.11
N ALA B 34 -0.24 -12.68 2.01
CA ALA B 34 0.83 -11.84 2.51
C ALA B 34 0.29 -10.86 3.55
N TRP B 35 1.19 -10.39 4.41
CA TRP B 35 0.90 -9.42 5.45
C TRP B 35 1.87 -8.26 5.33
N TYR B 36 1.37 -7.05 5.47
CA TYR B 36 2.20 -5.86 5.44
C TYR B 36 1.93 -5.02 6.68
N GLN B 37 2.92 -4.23 7.07
CA GLN B 37 2.80 -3.30 8.18
C GLN B 37 3.05 -1.89 7.66
N GLN B 38 2.09 -1.00 7.88
CA GLN B 38 2.18 0.38 7.44
C GLN B 38 2.04 1.31 8.63
N LYS B 39 2.99 2.14 8.81
CA LYS B 39 2.93 3.26 9.72
C LYS B 39 2.53 4.52 8.96
N PRO B 40 1.81 5.44 9.60
CA PRO B 40 1.29 6.61 8.86
C PRO B 40 2.41 7.45 8.27
N GLY B 41 2.35 7.66 6.96
CA GLY B 41 3.32 8.46 6.25
C GLY B 41 4.39 7.69 5.50
N LYS B 42 4.50 6.38 5.73
CA LYS B 42 5.53 5.57 5.11
C LYS B 42 4.88 4.51 4.22
N ALA B 43 5.69 3.95 3.32
CA ALA B 43 5.20 2.86 2.48
C ALA B 43 5.01 1.60 3.32
N PRO B 44 4.10 0.72 2.92
CA PRO B 44 3.95 -0.55 3.63
C PRO B 44 5.25 -1.34 3.65
N LYS B 45 5.53 -1.98 4.78
CA LYS B 45 6.69 -2.84 4.92
C LYS B 45 6.27 -4.29 4.78
N PRO B 46 6.82 -5.04 3.84
CA PRO B 46 6.49 -6.47 3.76
C PRO B 46 6.83 -7.19 5.05
N LEU B 47 5.95 -8.11 5.46
CA LEU B 47 6.04 -8.79 6.74
C LEU B 47 5.99 -10.31 6.59
N ILE B 48 4.88 -10.84 6.09
CA ILE B 48 4.70 -12.28 5.89
C ILE B 48 4.34 -12.52 4.44
N TYR B 49 4.81 -13.65 3.90
CA TYR B 49 4.33 -14.15 2.62
C TYR B 49 4.06 -15.64 2.78
N ALA B 50 3.19 -16.14 1.89
CA ALA B 50 2.79 -17.55 1.90
C ALA B 50 2.31 -17.98 3.28
N ALA B 51 1.38 -17.20 3.84
CA ALA B 51 0.71 -17.50 5.09
C ALA B 51 1.66 -17.60 6.27
N SER B 52 2.62 -18.53 6.22
CA SER B 52 3.50 -18.83 7.34
C SER B 52 4.90 -18.25 7.20
N SER B 53 5.39 -18.08 5.99
CA SER B 53 6.81 -17.82 5.77
C SER B 53 7.14 -16.35 6.05
N LEU B 54 8.24 -16.14 6.76
CA LEU B 54 8.63 -14.82 7.26
C LEU B 54 9.43 -14.08 6.20
N GLN B 55 9.05 -12.82 5.94
CA GLN B 55 9.78 -11.98 5.01
C GLN B 55 11.16 -11.66 5.58
N SER B 56 12.04 -11.17 4.71
CA SER B 56 13.42 -10.93 5.08
C SER B 56 13.54 -9.84 6.15
N GLY B 57 14.33 -10.11 7.18
CA GLY B 57 14.73 -9.10 8.14
C GLY B 57 13.75 -8.82 9.26
N VAL B 58 12.54 -9.38 9.24
CA VAL B 58 11.56 -9.06 10.27
C VAL B 58 11.80 -9.95 11.49
N PRO B 59 11.50 -9.47 12.70
CA PRO B 59 11.81 -10.24 13.90
C PRO B 59 10.93 -11.48 14.05
N SER B 60 11.38 -12.38 14.93
CA SER B 60 10.73 -13.67 15.10
C SER B 60 9.40 -13.57 15.84
N ARG B 61 9.13 -12.44 16.50
CA ARG B 61 7.86 -12.28 17.21
C ARG B 61 6.67 -12.21 16.28
N PHE B 62 6.89 -11.88 15.00
CA PHE B 62 5.85 -11.96 14.00
C PHE B 62 5.76 -13.39 13.49
N SER B 63 4.54 -13.87 13.26
CA SER B 63 4.32 -15.16 12.65
C SER B 63 2.92 -15.17 12.08
N GLY B 64 2.72 -16.05 11.09
CA GLY B 64 1.42 -16.18 10.46
C GLY B 64 1.08 -17.65 10.29
N GLY B 65 -0.23 -17.90 10.20
CA GLY B 65 -0.72 -19.26 10.02
C GLY B 65 -2.06 -19.23 9.31
N GLY B 66 -2.55 -20.42 9.00
CA GLY B 66 -3.85 -20.57 8.37
C GLY B 66 -3.76 -21.37 7.09
N SER B 67 -4.90 -21.50 6.43
CA SER B 67 -5.05 -22.31 5.23
C SER B 67 -6.45 -22.07 4.69
N GLY B 68 -6.68 -22.58 3.48
CA GLY B 68 -7.98 -22.42 2.84
C GLY B 68 -8.40 -20.98 2.68
N ALA B 69 -9.40 -20.56 3.46
CA ALA B 69 -9.99 -19.23 3.36
C ALA B 69 -9.83 -18.41 4.63
N ASP B 70 -8.97 -18.83 5.56
CA ASP B 70 -8.86 -18.15 6.84
C ASP B 70 -7.42 -18.17 7.30
N TYR B 71 -6.88 -16.99 7.61
CA TYR B 71 -5.49 -16.86 8.00
C TYR B 71 -5.39 -15.93 9.19
N THR B 72 -4.22 -15.92 9.80
CA THR B 72 -4.02 -15.22 11.05
C THR B 72 -2.58 -14.74 11.13
N LEU B 73 -2.41 -13.52 11.61
CA LEU B 73 -1.10 -12.97 11.94
C LEU B 73 -1.02 -12.86 13.45
N THR B 74 0.08 -13.31 14.02
CA THR B 74 0.27 -13.30 15.46
C THR B 74 1.58 -12.61 15.80
N ILE B 75 1.53 -11.70 16.76
CA ILE B 75 2.71 -11.05 17.31
C ILE B 75 2.92 -11.60 18.71
N SER B 76 4.09 -12.19 18.95
CA SER B 76 4.39 -12.86 20.22
C SER B 76 4.12 -11.93 21.41
N SER B 77 4.89 -10.86 21.52
CA SER B 77 4.62 -9.80 22.48
C SER B 77 4.97 -8.47 21.83
N LEU B 78 4.01 -7.54 21.86
CA LEU B 78 4.16 -6.27 21.15
C LEU B 78 5.32 -5.45 21.71
N GLN B 79 5.93 -4.68 20.82
CA GLN B 79 6.98 -3.74 21.17
C GLN B 79 6.60 -2.35 20.65
N PRO B 80 7.18 -1.29 21.22
CA PRO B 80 6.75 0.08 20.85
C PRO B 80 6.73 0.35 19.36
N GLU B 81 7.64 -0.25 18.59
CA GLU B 81 7.68 -0.05 17.15
C GLU B 81 6.59 -0.81 16.41
N ASP B 82 5.89 -1.74 17.08
CA ASP B 82 4.92 -2.59 16.40
C ASP B 82 3.55 -1.96 16.27
N PHE B 83 3.31 -0.83 16.91
CA PHE B 83 1.99 -0.19 16.81
C PHE B 83 1.88 0.53 15.48
N ALA B 84 0.96 0.09 14.65
CA ALA B 84 0.80 0.52 13.28
C ALA B 84 -0.48 -0.10 12.74
N THR B 85 -0.65 -0.04 11.42
CA THR B 85 -1.77 -0.67 10.73
C THR B 85 -1.24 -1.89 9.98
N TYR B 86 -2.05 -2.95 9.93
CA TYR B 86 -1.64 -4.21 9.33
C TYR B 86 -2.65 -4.59 8.25
N TYR B 87 -2.15 -4.89 7.06
CA TYR B 87 -2.98 -5.26 5.92
C TYR B 87 -2.64 -6.69 5.50
N CYS B 88 -3.66 -7.46 5.10
CA CYS B 88 -3.40 -8.70 4.39
C CYS B 88 -3.67 -8.52 2.91
N GLN B 89 -3.12 -9.42 2.10
CA GLN B 89 -3.24 -9.32 0.65
C GLN B 89 -3.09 -10.70 0.04
N GLN B 90 -4.12 -11.16 -0.66
CA GLN B 90 -4.03 -12.41 -1.38
C GLN B 90 -3.37 -12.19 -2.73
N TYR B 91 -2.55 -13.16 -3.14
CA TYR B 91 -1.92 -13.16 -4.45
C TYR B 91 -2.04 -14.52 -5.11
N ASP B 92 -3.24 -15.11 -4.99
CA ASP B 92 -3.58 -16.35 -5.68
C ASP B 92 -4.33 -16.10 -6.98
N ASP B 93 -4.97 -14.94 -7.12
CA ASP B 93 -5.84 -14.62 -8.23
C ASP B 93 -5.64 -13.17 -8.62
N LEU B 94 -6.01 -12.84 -9.86
CA LEU B 94 -6.05 -11.43 -10.25
C LEU B 94 -7.48 -10.95 -10.34
N PRO B 95 -7.78 -9.73 -9.88
CA PRO B 95 -6.82 -8.77 -9.31
C PRO B 95 -6.35 -9.11 -7.91
N ARG B 96 -5.12 -8.71 -7.61
CA ARG B 96 -4.68 -8.70 -6.23
C ARG B 96 -5.58 -7.80 -5.41
N THR B 97 -5.99 -8.28 -4.24
CA THR B 97 -6.92 -7.54 -3.40
C THR B 97 -6.39 -7.49 -1.98
N PHE B 98 -6.59 -6.35 -1.33
CA PHE B 98 -6.17 -6.15 0.05
C PHE B 98 -7.37 -6.20 0.98
N GLY B 99 -7.07 -6.42 2.27
CA GLY B 99 -8.05 -6.27 3.31
C GLY B 99 -8.03 -4.85 3.87
N GLN B 100 -9.10 -4.50 4.59
CA GLN B 100 -9.32 -3.12 5.00
C GLN B 100 -8.31 -2.62 6.01
N GLY B 101 -7.51 -3.50 6.60
CA GLY B 101 -6.51 -3.03 7.55
C GLY B 101 -6.98 -3.11 9.00
N THR B 102 -6.03 -3.32 9.89
CA THR B 102 -6.27 -3.37 11.32
C THR B 102 -5.30 -2.42 12.01
N LYS B 103 -5.83 -1.50 12.81
CA LYS B 103 -5.03 -0.45 13.44
C LYS B 103 -4.75 -0.86 14.89
N VAL B 104 -3.50 -1.17 15.19
CA VAL B 104 -3.08 -1.57 16.53
C VAL B 104 -2.51 -0.34 17.24
N GLU B 105 -3.24 0.16 18.22
CA GLU B 105 -2.87 1.39 18.92
C GLU B 105 -2.52 1.09 20.37
N ILE B 106 -1.81 2.04 20.99
CA ILE B 106 -1.29 1.86 22.34
C ILE B 106 -2.41 2.03 23.36
N LYS B 107 -2.47 1.12 24.32
CA LYS B 107 -3.42 1.21 25.43
C LYS B 107 -2.81 2.03 26.56
N ARG B 108 -3.66 2.75 27.27
CA ARG B 108 -3.25 3.54 28.42
C ARG B 108 -4.47 3.83 29.28
N THR B 109 -4.22 4.45 30.43
CA THR B 109 -5.32 4.81 31.31
C THR B 109 -6.15 5.94 30.71
N VAL B 110 -7.36 6.09 31.24
CA VAL B 110 -8.27 7.13 30.75
C VAL B 110 -7.74 8.50 31.16
N ALA B 111 -7.72 9.42 30.20
CA ALA B 111 -7.25 10.79 30.42
C ALA B 111 -8.29 11.76 29.89
N ALA B 112 -8.65 12.76 30.69
CA ALA B 112 -9.68 13.69 30.30
C ALA B 112 -9.11 14.79 29.40
N PRO B 113 -9.90 15.29 28.45
CA PRO B 113 -9.42 16.37 27.59
C PRO B 113 -9.53 17.73 28.28
N SER B 114 -8.46 18.51 28.19
CA SER B 114 -8.55 19.94 28.51
C SER B 114 -9.20 20.66 27.34
N VAL B 115 -10.34 21.30 27.58
CA VAL B 115 -11.14 21.91 26.52
C VAL B 115 -10.86 23.41 26.48
N PHE B 116 -10.68 23.93 25.26
CA PHE B 116 -10.42 25.35 25.02
C PHE B 116 -11.27 25.81 23.85
N ILE B 117 -11.80 27.03 23.92
CA ILE B 117 -12.55 27.62 22.83
C ILE B 117 -11.90 28.94 22.43
N PHE B 118 -11.82 29.18 21.12
CA PHE B 118 -11.13 30.34 20.57
C PHE B 118 -12.09 31.16 19.72
N PRO B 119 -12.30 32.43 20.03
CA PRO B 119 -13.17 33.26 19.19
C PRO B 119 -12.55 33.52 17.84
N PRO B 120 -13.34 33.87 16.83
CA PRO B 120 -12.75 34.24 15.54
C PRO B 120 -12.06 35.58 15.65
N SER B 121 -10.89 35.67 15.00
CA SER B 121 -10.13 36.91 15.05
C SER B 121 -10.89 38.06 14.39
N ASP B 122 -10.63 39.27 14.84
CA ASP B 122 -11.18 40.43 14.17
C ASP B 122 -10.68 40.53 12.73
N GLU B 123 -9.45 40.08 12.48
CA GLU B 123 -8.88 40.14 11.14
C GLU B 123 -9.69 39.29 10.17
N GLN B 124 -10.04 38.06 10.57
CA GLN B 124 -10.80 37.18 9.69
C GLN B 124 -12.20 37.71 9.44
N LEU B 125 -12.82 38.31 10.45
CA LEU B 125 -14.19 38.81 10.32
C LEU B 125 -14.28 39.90 9.26
N LYS B 126 -13.20 40.67 9.06
CA LYS B 126 -13.18 41.60 7.95
C LYS B 126 -13.41 40.90 6.62
N SER B 127 -12.87 39.68 6.47
CA SER B 127 -12.99 38.95 5.21
C SER B 127 -14.41 38.42 4.98
N GLY B 128 -15.27 38.44 5.99
CA GLY B 128 -16.61 37.95 5.87
C GLY B 128 -16.82 36.51 6.28
N THR B 129 -16.03 35.99 7.22
CA THR B 129 -16.15 34.62 7.67
C THR B 129 -15.69 34.55 9.12
N ALA B 130 -16.39 33.73 9.91
CA ALA B 130 -16.03 33.48 11.30
C ALA B 130 -15.77 31.98 11.47
N SER B 131 -14.54 31.64 11.85
CA SER B 131 -14.17 30.28 12.20
C SER B 131 -13.95 30.23 13.71
N VAL B 132 -14.91 29.67 14.43
CA VAL B 132 -14.77 29.38 15.85
C VAL B 132 -14.12 28.02 15.99
N VAL B 133 -13.12 27.93 16.86
CA VAL B 133 -12.33 26.71 17.04
C VAL B 133 -12.46 26.24 18.47
N CYS B 134 -12.61 24.93 18.64
CA CYS B 134 -12.63 24.29 19.95
C CYS B 134 -11.56 23.21 19.99
N LEU B 135 -10.70 23.28 21.00
CA LEU B 135 -9.54 22.40 21.12
C LEU B 135 -9.77 21.41 22.27
N LEU B 136 -9.56 20.12 21.99
CA LEU B 136 -9.59 19.08 23.01
C LEU B 136 -8.18 18.50 23.09
N ASN B 137 -7.47 18.78 24.18
CA ASN B 137 -6.05 18.50 24.26
C ASN B 137 -5.77 17.30 25.15
N ASN B 138 -4.97 16.37 24.62
CA ASN B 138 -4.37 15.25 25.34
C ASN B 138 -5.37 14.41 26.14
N PHE B 139 -6.08 13.52 25.46
CA PHE B 139 -7.08 12.67 26.09
C PHE B 139 -6.94 11.24 25.56
N TYR B 140 -7.66 10.32 26.21
CA TYR B 140 -7.68 8.92 25.81
C TYR B 140 -8.90 8.27 26.45
N PRO B 141 -9.64 7.42 25.73
CA PRO B 141 -9.41 6.97 24.35
C PRO B 141 -9.82 8.00 23.29
N ARG B 142 -9.77 7.60 22.01
CA ARG B 142 -9.97 8.55 20.92
C ARG B 142 -11.40 9.09 20.88
N GLU B 143 -12.36 8.32 21.36
CA GLU B 143 -13.78 8.64 21.16
C GLU B 143 -14.19 9.82 22.02
N ALA B 144 -14.45 10.96 21.37
CA ALA B 144 -15.03 12.14 22.00
C ALA B 144 -16.16 12.69 21.11
N LYS B 145 -17.10 13.40 21.73
CA LYS B 145 -18.16 14.16 21.07
C LYS B 145 -18.00 15.63 21.39
N VAL B 146 -17.82 16.44 20.36
CA VAL B 146 -18.01 17.88 20.44
C VAL B 146 -19.35 18.21 19.81
N GLN B 147 -20.14 19.03 20.48
CA GLN B 147 -21.32 19.60 19.87
C GLN B 147 -21.34 21.10 20.11
N TRP B 148 -21.67 21.85 19.07
CA TRP B 148 -21.69 23.30 19.13
C TRP B 148 -23.09 23.80 19.44
N LYS B 149 -23.16 24.85 20.27
CA LYS B 149 -24.44 25.43 20.66
C LYS B 149 -24.31 26.94 20.58
N VAL B 150 -25.05 27.55 19.66
CA VAL B 150 -25.05 29.00 19.46
C VAL B 150 -26.39 29.54 19.95
N ASP B 151 -26.35 30.40 20.96
CA ASP B 151 -27.57 30.85 21.64
C ASP B 151 -28.40 29.64 22.07
N ASN B 152 -27.70 28.55 22.39
CA ASN B 152 -28.28 27.31 22.86
C ASN B 152 -29.15 26.63 21.82
N ALA B 153 -28.76 26.72 20.55
CA ALA B 153 -29.33 25.91 19.48
C ALA B 153 -28.23 24.99 18.97
N LEU B 154 -28.52 23.69 18.89
CA LEU B 154 -27.47 22.74 18.52
C LEU B 154 -27.22 22.78 17.02
N GLN B 155 -25.95 22.94 16.65
CA GLN B 155 -25.55 23.07 15.25
C GLN B 155 -25.39 21.70 14.60
N SER B 156 -25.58 21.68 13.27
CA SER B 156 -25.36 20.47 12.48
C SER B 156 -24.96 20.87 11.07
N GLY B 157 -23.93 20.21 10.54
CA GLY B 157 -23.51 20.40 9.16
C GLY B 157 -22.66 21.61 8.90
N ASN B 158 -22.25 22.35 9.93
CA ASN B 158 -21.41 23.53 9.77
C ASN B 158 -20.14 23.46 10.62
N SER B 159 -19.69 22.25 10.96
CA SER B 159 -18.45 22.06 11.70
C SER B 159 -17.64 20.97 11.05
N GLN B 160 -16.32 21.04 11.25
CA GLN B 160 -15.40 20.00 10.81
C GLN B 160 -14.43 19.69 11.95
N GLU B 161 -14.01 18.43 12.01
CA GLU B 161 -13.13 17.95 13.07
C GLU B 161 -11.85 17.39 12.47
N SER B 162 -10.79 17.44 13.27
CA SER B 162 -9.49 16.91 12.89
C SER B 162 -8.77 16.42 14.14
N VAL B 163 -8.28 15.20 14.12
CA VAL B 163 -7.69 14.56 15.29
C VAL B 163 -6.30 14.10 14.94
N THR B 164 -5.36 14.32 15.87
CA THR B 164 -3.98 13.89 15.69
C THR B 164 -3.86 12.39 15.93
N GLU B 165 -2.76 11.82 15.44
CA GLU B 165 -2.43 10.46 15.81
C GLU B 165 -1.99 10.41 17.27
N GLN B 166 -1.86 9.19 17.78
CA GLN B 166 -1.45 8.99 19.17
C GLN B 166 -0.07 9.56 19.40
N ASP B 167 0.10 10.27 20.52
CA ASP B 167 1.35 10.96 20.79
C ASP B 167 2.49 9.97 21.07
N SER B 168 3.71 10.42 20.78
CA SER B 168 4.90 9.60 20.93
C SER B 168 5.17 9.22 22.38
N LYS B 169 4.89 10.12 23.32
CA LYS B 169 5.31 9.93 24.70
C LYS B 169 4.15 9.68 25.65
N ASP B 170 3.09 10.49 25.60
CA ASP B 170 1.98 10.26 26.51
C ASP B 170 0.87 9.39 25.91
N SER B 171 0.96 9.04 24.63
CA SER B 171 0.02 8.14 23.96
C SER B 171 -1.40 8.68 23.93
N THR B 172 -1.59 10.00 23.99
CA THR B 172 -2.92 10.58 23.97
C THR B 172 -3.23 11.17 22.60
N TYR B 173 -4.51 11.51 22.43
CA TYR B 173 -5.02 12.14 21.23
C TYR B 173 -5.34 13.60 21.48
N SER B 174 -5.46 14.37 20.41
CA SER B 174 -5.94 15.74 20.47
C SER B 174 -6.88 15.96 19.30
N LEU B 175 -7.87 16.84 19.51
CA LEU B 175 -8.91 17.08 18.51
C LEU B 175 -9.24 18.56 18.44
N SER B 176 -9.45 19.06 17.23
CA SER B 176 -9.94 20.40 16.99
C SER B 176 -11.28 20.32 16.29
N SER B 177 -12.22 21.17 16.71
CA SER B 177 -13.52 21.32 16.07
C SER B 177 -13.64 22.75 15.59
N THR B 178 -13.90 22.92 14.28
CA THR B 178 -14.00 24.24 13.69
C THR B 178 -15.43 24.46 13.22
N LEU B 179 -16.09 25.47 13.80
CA LEU B 179 -17.41 25.90 13.37
C LEU B 179 -17.23 27.10 12.45
N THR B 180 -17.76 27.02 11.23
CA THR B 180 -17.55 28.02 10.21
C THR B 180 -18.87 28.70 9.86
N LEU B 181 -18.95 30.00 10.15
CA LEU B 181 -20.15 30.79 9.89
C LEU B 181 -19.78 32.02 9.08
N SER B 182 -20.73 32.52 8.30
CA SER B 182 -20.52 33.78 7.64
C SER B 182 -20.49 34.92 8.67
N LYS B 183 -19.84 36.02 8.30
CA LYS B 183 -19.82 37.19 9.17
C LYS B 183 -21.23 37.60 9.56
N ALA B 184 -22.15 37.58 8.59
CA ALA B 184 -23.53 37.97 8.86
C ALA B 184 -24.16 37.09 9.93
N ASP B 185 -24.09 35.77 9.76
CA ASP B 185 -24.68 34.86 10.73
C ASP B 185 -23.95 34.91 12.07
N TYR B 186 -22.65 35.21 12.06
CA TYR B 186 -21.90 35.28 13.30
C TYR B 186 -22.35 36.44 14.18
N GLU B 187 -22.77 37.54 13.57
CA GLU B 187 -23.15 38.71 14.35
C GLU B 187 -24.62 38.71 14.74
N LYS B 188 -25.39 37.70 14.34
CA LYS B 188 -26.78 37.58 14.78
C LYS B 188 -26.91 36.97 16.16
N HIS B 189 -25.86 36.34 16.67
CA HIS B 189 -25.93 35.64 17.95
C HIS B 189 -24.77 36.06 18.84
N LYS B 190 -24.96 35.87 20.14
CA LYS B 190 -24.00 36.35 21.14
C LYS B 190 -23.25 35.25 21.86
N VAL B 191 -23.90 34.12 22.18
CA VAL B 191 -23.30 33.09 23.01
C VAL B 191 -22.87 31.92 22.13
N TYR B 192 -21.56 31.64 22.10
CA TYR B 192 -20.98 30.54 21.33
C TYR B 192 -20.32 29.57 22.30
N ALA B 193 -20.81 28.32 22.31
CA ALA B 193 -20.40 27.36 23.32
C ALA B 193 -19.99 26.03 22.67
N CYS B 194 -19.02 25.39 23.31
CA CYS B 194 -18.45 24.12 22.88
C CYS B 194 -18.60 23.11 24.01
N GLU B 195 -19.50 22.15 23.85
CA GLU B 195 -19.78 21.16 24.88
C GLU B 195 -19.17 19.82 24.52
N VAL B 196 -18.37 19.28 25.44
CA VAL B 196 -17.55 18.10 25.21
C VAL B 196 -17.99 17.00 26.17
N THR B 197 -18.26 15.82 25.63
CA THR B 197 -18.50 14.63 26.43
C THR B 197 -17.42 13.62 26.11
N HIS B 198 -16.78 13.10 27.15
CA HIS B 198 -15.69 12.14 27.01
C HIS B 198 -15.76 11.15 28.17
N GLN B 199 -15.17 9.98 27.95
CA GLN B 199 -15.21 8.93 28.97
C GLN B 199 -14.52 9.36 30.25
N GLY B 200 -13.58 10.29 30.17
CA GLY B 200 -12.86 10.78 31.32
C GLY B 200 -13.50 11.93 32.07
N LEU B 201 -14.68 12.38 31.65
CA LEU B 201 -15.37 13.50 32.30
C LEU B 201 -16.62 12.97 32.99
N SER B 202 -16.70 13.17 34.31
CA SER B 202 -17.89 12.76 35.04
C SER B 202 -19.14 13.48 34.55
N SER B 203 -19.01 14.74 34.13
CA SER B 203 -20.11 15.49 33.57
C SER B 203 -19.61 16.32 32.40
N PRO B 204 -20.46 16.59 31.40
CA PRO B 204 -19.96 17.28 30.19
C PRO B 204 -19.33 18.62 30.50
N VAL B 205 -18.19 18.89 29.86
CA VAL B 205 -17.46 20.14 30.03
C VAL B 205 -17.85 21.08 28.90
N THR B 206 -18.27 22.29 29.26
CA THR B 206 -18.68 23.30 28.29
C THR B 206 -17.77 24.51 28.42
N LYS B 207 -17.24 24.98 27.29
CA LYS B 207 -16.49 26.22 27.22
C LYS B 207 -17.21 27.15 26.25
N SER B 208 -17.28 28.44 26.59
CA SER B 208 -18.11 29.36 25.82
C SER B 208 -17.58 30.77 25.92
N PHE B 209 -18.12 31.64 25.05
CA PHE B 209 -17.78 33.05 25.04
C PHE B 209 -18.92 33.85 24.43
N ASN B 210 -18.94 35.14 24.74
CA ASN B 210 -19.79 36.12 24.05
C ASN B 210 -18.92 36.99 23.16
N ARG B 211 -19.48 37.41 22.03
CA ARG B 211 -18.81 38.41 21.20
C ARG B 211 -18.43 39.63 22.02
N GLY B 212 -17.14 39.92 22.10
CA GLY B 212 -16.67 41.08 22.83
C GLY B 212 -15.86 40.73 24.07
N HIS C 10 20.75 -20.05 -9.37
CA HIS C 10 20.00 -21.14 -9.99
C HIS C 10 18.99 -20.60 -10.99
N ILE C 11 18.54 -19.36 -10.75
CA ILE C 11 17.54 -18.75 -11.63
C ILE C 11 18.16 -18.40 -12.98
N ASN C 12 19.41 -17.92 -12.98
CA ASN C 12 20.08 -17.53 -14.21
C ASN C 12 20.19 -18.68 -15.21
N ARG C 13 19.93 -19.91 -14.79
CA ARG C 13 20.09 -21.08 -15.65
C ARG C 13 18.83 -21.40 -16.46
N THR C 14 17.98 -20.41 -16.69
CA THR C 14 16.72 -20.57 -17.40
C THR C 14 16.76 -19.79 -18.70
N ALA C 15 16.35 -20.42 -19.80
CA ALA C 15 16.30 -19.76 -21.09
C ALA C 15 15.13 -18.78 -21.14
N LEU C 16 15.42 -17.53 -21.51
CA LEU C 16 14.44 -16.47 -21.58
C LEU C 16 14.31 -15.91 -22.99
N ASN C 17 14.46 -16.77 -23.99
CA ASN C 17 14.29 -16.35 -25.37
C ASN C 17 12.83 -16.55 -25.73
N CYS C 18 12.01 -15.65 -25.21
CA CYS C 18 10.57 -15.65 -25.44
C CYS C 18 10.25 -14.41 -26.27
N ASN C 19 10.02 -14.61 -27.57
CA ASN C 19 9.49 -13.53 -28.41
C ASN C 19 8.22 -14.04 -29.09
N ASP C 20 7.09 -13.48 -28.67
CA ASP C 20 5.77 -13.85 -29.18
C ASP C 20 5.44 -13.09 -30.47
N SER C 21 6.19 -13.40 -31.54
CA SER C 21 5.99 -12.72 -32.81
C SER C 21 4.65 -13.08 -33.44
N LEU C 22 4.11 -14.25 -33.12
CA LEU C 22 2.80 -14.63 -33.62
C LEU C 22 1.66 -14.07 -32.76
N GLN C 23 1.97 -13.45 -31.62
CA GLN C 23 0.99 -12.75 -30.81
C GLN C 23 -0.10 -13.69 -30.28
N THR C 24 0.34 -14.81 -29.70
CA THR C 24 -0.58 -15.76 -29.09
C THR C 24 -0.72 -15.58 -27.59
N GLY C 25 0.13 -14.77 -26.98
CA GLY C 25 0.04 -14.53 -25.54
C GLY C 25 0.45 -15.70 -24.68
N PHE C 26 1.33 -16.58 -25.19
CA PHE C 26 1.73 -17.74 -24.42
C PHE C 26 2.62 -17.38 -23.24
N ILE C 27 3.24 -16.21 -23.25
CA ILE C 27 4.20 -15.86 -22.21
C ILE C 27 3.52 -15.58 -20.88
N THR C 28 2.25 -15.16 -20.89
CA THR C 28 1.59 -14.80 -19.63
C THR C 28 1.44 -16.03 -18.73
N SER C 29 1.19 -17.20 -19.32
CA SER C 29 1.10 -18.41 -18.52
C SER C 29 2.45 -18.88 -18.01
N LEU C 30 3.55 -18.27 -18.47
CA LEU C 30 4.84 -18.53 -17.86
C LEU C 30 4.95 -17.88 -16.49
N PHE C 31 4.29 -16.73 -16.30
CA PHE C 31 4.38 -15.97 -15.07
C PHE C 31 3.13 -16.02 -14.22
N TYR C 32 2.01 -16.51 -14.75
CA TYR C 32 0.75 -16.54 -14.01
C TYR C 32 -0.07 -17.73 -14.46
N ALA C 33 -0.68 -18.42 -13.49
CA ALA C 33 -1.40 -19.66 -13.80
C ALA C 33 -2.54 -19.44 -14.78
N LYS C 34 -3.19 -18.27 -14.72
CA LYS C 34 -4.18 -17.84 -15.70
C LYS C 34 -5.40 -18.76 -15.63
N ASN C 35 -6.14 -18.85 -16.74
CA ASN C 35 -7.24 -19.80 -16.93
C ASN C 35 -6.96 -20.50 -18.25
N VAL C 36 -6.55 -21.76 -18.19
CA VAL C 36 -6.16 -22.47 -19.41
C VAL C 36 -7.27 -22.34 -20.44
N ASP C 37 -6.90 -21.95 -21.67
CA ASP C 37 -7.89 -21.82 -22.74
C ASP C 37 -8.06 -23.19 -23.41
N SER C 38 -8.93 -24.00 -22.82
CA SER C 38 -9.19 -25.34 -23.31
C SER C 38 -10.01 -25.37 -24.60
N SER C 39 -10.63 -24.25 -24.99
CA SER C 39 -11.34 -24.24 -26.27
C SER C 39 -10.38 -23.81 -27.37
N GLY C 40 -10.54 -24.44 -28.53
CA GLY C 40 -9.47 -24.54 -29.49
C GLY C 40 -8.70 -25.84 -29.37
N CYS C 41 -8.97 -26.63 -28.34
CA CYS C 41 -8.30 -27.91 -28.17
C CYS C 41 -9.13 -29.02 -28.79
N PRO C 42 -8.52 -29.95 -29.55
CA PRO C 42 -9.20 -31.13 -30.09
C PRO C 42 -9.62 -32.10 -28.99
N PRO C 58 8.92 -37.11 -32.92
CA PRO C 58 9.55 -38.41 -32.61
C PRO C 58 11.08 -38.34 -32.62
N ARG C 59 11.62 -37.24 -32.08
CA ARG C 59 13.04 -36.93 -31.92
C ARG C 59 13.61 -37.64 -30.70
N PRO C 60 14.84 -38.13 -30.77
CA PRO C 60 15.53 -38.57 -29.55
C PRO C 60 16.14 -37.38 -28.81
N CYS C 61 16.32 -37.56 -27.51
CA CYS C 61 16.70 -36.45 -26.62
C CYS C 61 18.21 -36.22 -26.72
N ASP C 62 18.59 -35.29 -27.60
CA ASP C 62 19.98 -34.97 -27.91
C ASP C 62 20.53 -33.87 -27.01
N VAL C 63 21.07 -32.83 -27.65
CA VAL C 63 21.37 -31.55 -27.01
C VAL C 63 20.52 -30.49 -27.70
N VAL C 64 20.09 -29.50 -26.93
CA VAL C 64 19.18 -28.47 -27.39
C VAL C 64 19.87 -27.12 -27.21
N SER C 65 19.97 -26.36 -28.30
CA SER C 65 20.50 -25.00 -28.21
C SER C 65 19.61 -24.16 -27.32
N ALA C 66 20.21 -23.31 -26.49
CA ALA C 66 19.39 -22.60 -25.51
C ALA C 66 18.67 -21.41 -26.12
N ARG C 67 19.22 -20.80 -27.17
CA ARG C 67 18.58 -19.60 -27.70
C ARG C 67 17.28 -19.91 -28.43
N THR C 68 16.91 -21.18 -28.58
CA THR C 68 15.61 -21.53 -29.14
C THR C 68 14.55 -21.83 -28.08
N VAL C 69 14.90 -21.72 -26.81
CA VAL C 69 14.04 -22.21 -25.71
C VAL C 69 13.53 -21.02 -24.91
N CYS C 70 12.25 -21.10 -24.52
CA CYS C 70 11.62 -20.09 -23.68
C CYS C 70 11.11 -20.76 -22.41
N GLY C 71 11.69 -20.39 -21.28
CA GLY C 71 11.27 -20.93 -20.00
C GLY C 71 11.99 -22.21 -19.64
N PRO C 72 11.45 -22.93 -18.65
CA PRO C 72 12.19 -24.06 -18.08
C PRO C 72 12.10 -25.31 -18.95
N VAL C 73 13.18 -26.08 -18.94
CA VAL C 73 13.24 -27.38 -19.62
C VAL C 73 13.04 -28.46 -18.57
N TYR C 74 12.04 -29.32 -18.79
CA TYR C 74 11.67 -30.37 -17.85
C TYR C 74 11.89 -31.73 -18.52
N CYS C 75 12.79 -32.52 -17.97
CA CYS C 75 12.93 -33.92 -18.33
C CYS C 75 12.32 -34.77 -17.21
N PHE C 76 11.90 -35.98 -17.57
CA PHE C 76 11.17 -36.85 -16.66
C PHE C 76 11.93 -38.16 -16.52
N THR C 77 12.36 -38.45 -15.29
CA THR C 77 13.29 -39.55 -15.05
C THR C 77 12.69 -40.84 -14.49
N PRO C 78 11.35 -41.03 -14.44
CA PRO C 78 10.10 -40.34 -14.79
C PRO C 78 9.79 -39.15 -13.87
N SER C 79 10.37 -39.18 -12.67
CA SER C 79 10.24 -38.05 -11.75
C SER C 79 10.57 -36.75 -12.47
N PRO C 80 9.79 -35.68 -12.25
CA PRO C 80 10.07 -34.43 -12.95
C PRO C 80 11.32 -33.76 -12.40
N VAL C 81 12.19 -33.33 -13.32
CA VAL C 81 13.48 -32.72 -12.98
C VAL C 81 13.74 -31.59 -13.95
N VAL C 82 14.10 -30.42 -13.41
CA VAL C 82 14.41 -29.26 -14.25
C VAL C 82 15.84 -29.37 -14.74
N VAL C 83 16.05 -29.08 -16.02
CA VAL C 83 17.39 -29.05 -16.61
C VAL C 83 17.78 -27.58 -16.80
N GLY C 84 18.95 -27.22 -16.27
CA GLY C 84 19.47 -25.88 -16.41
C GLY C 84 20.41 -25.77 -17.60
N THR C 85 20.69 -24.52 -17.98
CA THR C 85 21.56 -24.28 -19.13
C THR C 85 22.99 -24.64 -18.79
N THR C 86 23.69 -25.20 -19.77
CA THR C 86 25.09 -25.58 -19.65
C THR C 86 25.79 -25.20 -20.95
N ASP C 87 27.11 -25.29 -20.94
CA ASP C 87 27.85 -25.14 -22.20
C ASP C 87 27.97 -26.52 -22.84
N LYS C 88 28.80 -26.64 -23.88
CA LYS C 88 28.92 -27.90 -24.59
C LYS C 88 29.74 -28.93 -23.82
N LEU C 89 30.19 -28.60 -22.62
CA LEU C 89 30.96 -29.50 -21.78
C LEU C 89 30.20 -29.95 -20.54
N GLY C 90 29.04 -29.36 -20.28
CA GLY C 90 28.25 -29.65 -19.10
C GLY C 90 28.47 -28.70 -17.94
N ILE C 91 29.30 -27.69 -18.13
CA ILE C 91 29.53 -26.66 -17.11
C ILE C 91 28.28 -25.79 -17.02
N PRO C 92 27.67 -25.63 -15.85
CA PRO C 92 26.53 -24.73 -15.73
C PRO C 92 26.88 -23.32 -16.20
N THR C 93 25.99 -22.74 -16.98
CA THR C 93 26.11 -21.36 -17.43
C THR C 93 24.96 -20.57 -16.83
N TYR C 94 25.17 -19.27 -16.67
CA TYR C 94 24.19 -18.43 -15.99
C TYR C 94 23.89 -17.17 -16.80
N ASN C 95 23.81 -17.34 -18.13
CA ASN C 95 23.58 -16.22 -19.05
C ASN C 95 22.15 -16.15 -19.55
N TRP C 96 21.22 -16.86 -18.91
CA TRP C 96 19.81 -16.93 -19.33
C TRP C 96 19.66 -17.55 -20.72
N GLY C 97 20.67 -18.29 -21.17
CA GLY C 97 20.62 -18.88 -22.50
C GLY C 97 20.79 -17.87 -23.62
N GLU C 98 21.63 -16.85 -23.42
CA GLU C 98 21.80 -15.82 -24.44
C GLU C 98 22.93 -16.13 -25.42
N ASN C 99 24.08 -16.58 -24.93
CA ASN C 99 25.15 -16.90 -25.87
C ASN C 99 24.84 -18.18 -26.63
N GLU C 100 25.41 -18.29 -27.83
CA GLU C 100 25.11 -19.45 -28.66
C GLU C 100 25.67 -20.74 -28.09
N THR C 101 26.69 -20.66 -27.23
CA THR C 101 27.25 -21.86 -26.63
C THR C 101 26.39 -22.43 -25.51
N ASP C 102 25.32 -21.73 -25.12
CA ASP C 102 24.40 -22.26 -24.12
C ASP C 102 23.53 -23.35 -24.74
N VAL C 103 23.46 -24.51 -24.08
CA VAL C 103 22.71 -25.67 -24.57
C VAL C 103 21.99 -26.31 -23.39
N PHE C 104 21.15 -27.29 -23.73
CA PHE C 104 20.51 -28.16 -22.74
C PHE C 104 20.86 -29.59 -23.10
N MET C 105 21.73 -30.21 -22.30
CA MET C 105 22.18 -31.58 -22.53
C MET C 105 21.13 -32.54 -21.99
N LEU C 106 20.19 -32.92 -22.84
CA LEU C 106 19.10 -33.80 -22.38
C LEU C 106 19.54 -35.25 -22.30
N GLU C 107 20.49 -35.67 -23.13
CA GLU C 107 20.96 -37.05 -23.15
C GLU C 107 21.81 -37.41 -21.94
N SER C 108 21.87 -36.62 -20.88
CA SER C 108 22.71 -36.91 -19.73
C SER C 108 21.92 -37.35 -18.51
N LEU C 109 20.64 -37.65 -18.66
CA LEU C 109 19.80 -37.97 -17.51
C LEU C 109 18.86 -39.15 -17.81
N ARG C 110 19.35 -40.14 -18.54
CA ARG C 110 18.52 -41.31 -18.81
C ARG C 110 18.51 -42.27 -17.63
N TRP C 116 12.13 -45.67 -19.85
CA TRP C 116 11.33 -44.55 -20.34
C TRP C 116 11.92 -43.22 -19.89
N PHE C 117 12.12 -42.32 -20.84
CA PHE C 117 12.74 -41.03 -20.56
C PHE C 117 12.31 -40.03 -21.62
N GLY C 118 11.81 -38.89 -21.19
CA GLY C 118 11.32 -37.88 -22.12
C GLY C 118 11.49 -36.49 -21.55
N CYS C 119 11.59 -35.51 -22.45
CA CYS C 119 11.80 -34.12 -22.10
C CYS C 119 10.84 -33.23 -22.88
N THR C 120 10.68 -32.01 -22.38
CA THR C 120 9.78 -31.06 -23.03
C THR C 120 10.16 -29.64 -22.62
N TRP C 121 9.80 -28.70 -23.48
CA TRP C 121 10.08 -27.28 -23.26
C TRP C 121 9.27 -26.48 -24.26
N MET C 122 9.34 -25.16 -24.13
CA MET C 122 8.65 -24.23 -25.01
C MET C 122 9.68 -23.50 -25.85
N ASN C 123 9.50 -23.51 -27.18
CA ASN C 123 10.40 -22.73 -28.01
C ASN C 123 9.94 -21.27 -28.05
N SER C 124 10.73 -20.44 -28.71
CA SER C 124 10.62 -18.99 -28.54
C SER C 124 9.29 -18.44 -29.04
N THR C 125 8.72 -19.02 -30.09
CA THR C 125 7.45 -18.54 -30.63
C THR C 125 6.25 -19.28 -30.05
N GLY C 126 6.45 -20.01 -28.96
CA GLY C 126 5.33 -20.52 -28.17
C GLY C 126 4.85 -21.90 -28.49
N PHE C 127 5.67 -22.73 -29.14
CA PHE C 127 5.29 -24.10 -29.45
C PHE C 127 5.92 -25.06 -28.46
N THR C 128 5.21 -26.15 -28.18
CA THR C 128 5.66 -27.15 -27.21
C THR C 128 6.56 -28.14 -27.91
N LYS C 129 7.85 -28.12 -27.57
CA LYS C 129 8.83 -29.05 -28.09
C LYS C 129 8.94 -30.26 -27.19
N THR C 130 9.22 -31.41 -27.80
CA THR C 130 9.28 -32.65 -27.06
C THR C 130 10.34 -33.55 -27.67
N CYS C 131 10.79 -34.52 -26.88
CA CYS C 131 11.72 -35.53 -27.37
C CYS C 131 11.48 -36.84 -26.66
N GLY C 132 11.96 -37.91 -27.28
CA GLY C 132 11.82 -39.26 -26.75
C GLY C 132 12.63 -40.26 -27.54
N GLY C 144 7.31 -37.42 -24.49
CA GLY C 144 7.51 -36.35 -23.54
C GLY C 144 7.29 -36.79 -22.11
N PRO C 145 6.39 -36.10 -21.40
CA PRO C 145 5.94 -36.58 -20.08
C PRO C 145 4.90 -37.68 -20.13
N TRP C 146 4.57 -38.20 -21.31
CA TRP C 146 3.52 -39.21 -21.46
C TRP C 146 4.10 -40.59 -21.16
N ILE C 147 3.78 -41.12 -19.97
CA ILE C 147 4.11 -42.49 -19.66
C ILE C 147 3.28 -43.45 -20.51
N THR C 148 2.04 -43.09 -20.78
CA THR C 148 1.13 -43.79 -21.68
C THR C 148 0.46 -42.74 -22.55
N PRO C 149 -0.17 -43.15 -23.65
CA PRO C 149 -1.02 -42.20 -24.40
C PRO C 149 -2.12 -41.59 -23.56
N ARG C 150 -2.43 -42.19 -22.40
CA ARG C 150 -3.53 -41.76 -21.54
C ARG C 150 -3.09 -40.89 -20.37
N CYS C 151 -1.87 -41.08 -19.87
CA CYS C 151 -1.40 -40.43 -18.66
C CYS C 151 -0.09 -39.69 -18.90
N LEU C 152 0.11 -38.65 -18.11
CA LEU C 152 1.22 -37.72 -18.29
C LEU C 152 1.73 -37.35 -16.89
N VAL C 153 3.04 -37.26 -16.75
CA VAL C 153 3.64 -36.99 -15.45
C VAL C 153 3.49 -35.51 -15.12
N ASP C 154 2.97 -35.23 -13.93
CA ASP C 154 2.67 -33.85 -13.54
C ASP C 154 3.94 -33.11 -13.10
N TYR C 155 3.95 -31.82 -13.39
CA TYR C 155 5.06 -30.94 -13.02
C TYR C 155 4.54 -29.50 -13.08
N PRO C 156 5.22 -28.56 -12.39
CA PRO C 156 4.67 -27.21 -12.23
C PRO C 156 4.19 -26.51 -13.51
N TYR C 157 4.73 -26.88 -14.68
CA TYR C 157 4.37 -26.21 -15.92
C TYR C 157 3.63 -27.12 -16.88
N ARG C 158 2.95 -28.13 -16.36
CA ARG C 158 2.24 -29.09 -17.19
C ARG C 158 1.21 -28.41 -18.09
N LEU C 159 0.42 -27.50 -17.53
CA LEU C 159 -0.67 -26.88 -18.29
C LEU C 159 -0.19 -25.77 -19.20
N TRP C 160 1.00 -25.22 -18.97
CA TRP C 160 1.58 -24.31 -19.95
C TRP C 160 1.96 -25.06 -21.22
N HIS C 161 2.73 -26.14 -21.09
CA HIS C 161 3.19 -26.90 -22.24
C HIS C 161 2.06 -27.71 -22.89
N TYR C 162 1.05 -28.10 -22.12
CA TYR C 162 -0.04 -28.96 -22.60
C TYR C 162 -1.37 -28.44 -22.08
N PRO C 163 -1.86 -27.33 -22.64
CA PRO C 163 -3.09 -26.71 -22.10
C PRO C 163 -4.32 -27.59 -22.21
N CYS C 164 -4.29 -28.68 -22.98
CA CYS C 164 -5.48 -29.48 -23.18
C CYS C 164 -5.58 -30.66 -22.19
N THR C 165 -4.73 -30.67 -21.15
CA THR C 165 -4.76 -31.71 -20.13
C THR C 165 -5.31 -31.20 -18.81
N VAL C 166 -6.08 -30.11 -18.83
CA VAL C 166 -6.51 -29.48 -17.58
C VAL C 166 -7.56 -30.32 -16.87
N ASN C 167 -8.59 -30.76 -17.60
CA ASN C 167 -9.63 -31.58 -16.99
C ASN C 167 -9.14 -33.00 -16.59
N PHE C 168 -7.83 -33.28 -16.67
CA PHE C 168 -7.31 -34.59 -16.27
C PHE C 168 -7.32 -34.71 -14.74
N THR C 169 -7.35 -35.96 -14.28
CA THR C 169 -7.40 -36.25 -12.84
C THR C 169 -6.05 -36.76 -12.36
N LEU C 170 -5.58 -36.23 -11.23
CA LEU C 170 -4.26 -36.54 -10.72
C LEU C 170 -4.35 -37.61 -9.62
N HIS C 171 -3.26 -38.36 -9.48
CA HIS C 171 -3.16 -39.34 -8.40
C HIS C 171 -1.73 -39.81 -8.27
N LYS C 172 -1.39 -40.21 -7.05
CA LYS C 172 -0.02 -40.59 -6.70
C LYS C 172 0.38 -41.91 -7.36
N VAL C 173 1.61 -41.97 -7.85
CA VAL C 173 2.15 -43.20 -8.44
C VAL C 173 3.48 -43.53 -7.76
N ARG C 174 3.61 -44.76 -7.31
CA ARG C 174 4.82 -45.29 -6.70
C ARG C 174 5.32 -46.43 -7.58
N MET C 175 6.59 -46.39 -7.97
CA MET C 175 7.16 -47.50 -8.72
C MET C 175 8.68 -47.41 -8.72
N PHE C 176 9.32 -48.57 -8.68
CA PHE C 176 10.78 -48.68 -8.69
C PHE C 176 11.30 -48.62 -10.13
N ILE C 180 15.15 -48.04 -8.45
CA ILE C 180 14.94 -47.23 -7.25
C ILE C 180 13.62 -46.45 -7.34
N GLU C 181 12.94 -46.34 -6.21
CA GLU C 181 11.58 -45.82 -6.13
C GLU C 181 11.51 -44.36 -6.57
N HIS C 182 10.46 -44.03 -7.32
CA HIS C 182 10.16 -42.66 -7.72
C HIS C 182 8.83 -42.22 -7.13
N ARG C 183 8.84 -41.08 -6.44
CA ARG C 183 7.64 -40.45 -5.91
C ARG C 183 7.25 -39.33 -6.87
N PHE C 184 6.17 -39.53 -7.63
CA PHE C 184 5.68 -38.51 -8.54
C PHE C 184 4.18 -38.68 -8.71
N ASP C 185 3.56 -37.68 -9.33
CA ASP C 185 2.12 -37.69 -9.59
C ASP C 185 1.87 -37.72 -11.10
N ALA C 186 0.78 -38.39 -11.48
CA ALA C 186 0.40 -38.54 -12.87
C ALA C 186 -0.97 -37.92 -13.10
N ALA C 187 -1.22 -37.52 -14.36
CA ALA C 187 -2.49 -36.95 -14.77
C ALA C 187 -3.04 -37.78 -15.93
N CYS C 188 -4.13 -38.49 -15.66
CA CYS C 188 -4.81 -39.37 -16.61
C CYS C 188 -6.19 -38.80 -16.97
N ASN C 189 -6.81 -39.38 -17.99
CA ASN C 189 -8.18 -38.98 -18.34
C ASN C 189 -9.11 -39.43 -17.22
#